data_6E2S
#
_entry.id   6E2S
#
_cell.length_a   82.351
_cell.length_b   97.872
_cell.length_c   45.689
_cell.angle_alpha   90.00
_cell.angle_beta   90.00
_cell.angle_gamma   90.00
#
_symmetry.space_group_name_H-M   'P 21 21 2'
#
loop_
_entity.id
_entity.type
_entity.pdbx_description
1 polymer 'Mevalonate diphosphate decarboxylase'
2 non-polymer 'SULFATE ION'
3 water water
#
_entity_poly.entity_id   1
_entity_poly.type   'polypeptide(L)'
_entity_poly.pdbx_seq_one_letter_code
;MHHHHHHHHGVDLGTENLYFQSNAMLSGKARAHTNIALIKYWGKANEEYILPMNSSLSLTLDAFYTETTVTFDAHYSEDV
FILNGILQNEKQTKKVKEFLNLVRQQADCTWFAKVESQNFVPTAAGLASSASGLAALAGACNVALGLNLSAKDLSRLARR
GSGSACRSIFGGFAQWNKGHSDETSFAENIPANNWENELAMLFILINDGEKDVSSRDGMKRTVETSSFYQGWLDNVEKDL
SQVHEAIKTKDFPRLGEIIEANGLRMHGTTLGAVPPFTYWSPGSLQAMALVRQARAKGIPCYFTMDAGPNVKVLVEKKNL
EALKTFLSEHFSKEQLVPAFAGPGIELFETKGMDK
;
_entity_poly.pdbx_strand_id   A
#
loop_
_chem_comp.id
_chem_comp.type
_chem_comp.name
_chem_comp.formula
SO4 non-polymer 'SULFATE ION' 'O4 S -2'
#
# COMPACT_ATOMS: atom_id res chain seq x y z
N ALA A 24 -14.72 -11.75 31.12
CA ALA A 24 -14.96 -10.35 30.65
C ALA A 24 -13.94 -10.00 29.58
N MET A 25 -14.19 -10.46 28.37
CA MET A 25 -13.27 -10.26 27.27
C MET A 25 -14.06 -10.14 25.97
N LEU A 26 -13.48 -9.42 25.02
CA LEU A 26 -14.04 -9.21 23.69
C LEU A 26 -12.93 -9.46 22.69
N SER A 27 -13.22 -10.19 21.61
CA SER A 27 -12.18 -10.57 20.66
C SER A 27 -12.71 -10.54 19.23
N GLY A 28 -11.77 -10.43 18.31
CA GLY A 28 -12.11 -10.36 16.90
C GLY A 28 -10.87 -10.54 16.06
N LYS A 29 -11.10 -10.84 14.78
CA LYS A 29 -10.02 -11.19 13.87
C LYS A 29 -10.34 -10.65 12.48
N ALA A 30 -9.29 -10.29 11.74
CA ALA A 30 -9.46 -9.83 10.37
C ALA A 30 -8.21 -10.17 9.57
N ARG A 31 -8.38 -10.27 8.25
CA ARG A 31 -7.28 -10.40 7.32
C ARG A 31 -7.36 -9.27 6.31
N ALA A 32 -6.26 -8.54 6.14
CA ALA A 32 -6.19 -7.47 5.16
C ALA A 32 -4.94 -7.63 4.31
N HIS A 33 -5.09 -7.35 3.02
CA HIS A 33 -4.04 -7.45 2.01
C HIS A 33 -3.36 -6.11 1.80
N THR A 34 -2.08 -6.15 1.44
CA THR A 34 -1.42 -4.88 1.17
C THR A 34 -1.94 -4.29 -0.14
N ASN A 35 -1.53 -3.06 -0.40
CA ASN A 35 -1.86 -2.41 -1.65
C ASN A 35 -0.67 -1.58 -2.06
N ILE A 36 -0.55 -1.38 -3.38
N ILE A 36 -0.54 -1.34 -3.36
CA ILE A 36 0.47 -0.54 -4.00
CA ILE A 36 0.53 -0.50 -3.88
C ILE A 36 -0.20 0.73 -4.50
C ILE A 36 -0.11 0.71 -4.54
N ALA A 37 0.31 1.89 -4.10
CA ALA A 37 -0.25 3.14 -4.58
C ALA A 37 0.25 3.42 -5.99
N LEU A 38 -0.68 3.49 -6.93
CA LEU A 38 -0.40 3.88 -8.31
C LEU A 38 -0.41 5.39 -8.52
N ILE A 39 -1.39 6.07 -7.95
CA ILE A 39 -1.36 7.52 -7.78
C ILE A 39 -1.08 7.76 -6.30
N LYS A 40 0.05 8.39 -6.01
CA LYS A 40 0.61 8.32 -4.68
C LYS A 40 -0.16 9.18 -3.68
N TYR A 41 -0.22 8.67 -2.45
CA TYR A 41 -0.55 9.47 -1.27
C TYR A 41 0.74 10.12 -0.82
N TRP A 42 0.82 11.43 -0.94
CA TRP A 42 2.04 12.12 -0.59
C TRP A 42 1.71 13.45 0.07
N GLY A 43 1.91 13.51 1.38
CA GLY A 43 1.65 14.66 2.22
C GLY A 43 0.31 14.67 2.94
N LYS A 44 0.33 15.18 4.17
CA LYS A 44 -0.85 15.25 5.03
C LYS A 44 -1.30 16.69 5.14
N ALA A 45 -2.60 16.91 4.97
CA ALA A 45 -3.23 18.18 5.30
C ALA A 45 -3.46 18.31 6.80
N ASN A 46 -3.78 17.20 7.45
CA ASN A 46 -4.05 17.18 8.89
C ASN A 46 -3.35 15.99 9.50
N GLU A 47 -2.43 16.26 10.43
CA GLU A 47 -1.64 15.19 11.02
C GLU A 47 -2.45 14.39 12.04
N GLU A 48 -3.28 15.04 12.84
CA GLU A 48 -4.03 14.34 13.87
C GLU A 48 -5.00 13.33 13.28
N TYR A 49 -5.72 13.72 12.23
CA TYR A 49 -6.75 12.87 11.62
C TYR A 49 -6.30 12.12 10.38
N ILE A 50 -5.06 12.31 9.94
CA ILE A 50 -4.54 11.76 8.69
C ILE A 50 -5.50 12.07 7.55
N LEU A 51 -5.66 13.35 7.27
CA LEU A 51 -6.32 13.83 6.08
C LEU A 51 -5.26 14.21 5.06
N PRO A 52 -5.30 13.65 3.85
CA PRO A 52 -4.22 13.87 2.89
C PRO A 52 -4.35 15.17 2.12
N MET A 53 -3.19 15.64 1.62
CA MET A 53 -3.17 16.77 0.71
C MET A 53 -3.78 16.45 -0.64
N ASN A 54 -3.80 15.18 -1.07
CA ASN A 54 -4.38 14.79 -2.34
C ASN A 54 -4.97 13.39 -2.24
N SER A 55 -5.87 13.09 -3.19
CA SER A 55 -6.46 11.77 -3.30
C SER A 55 -5.48 10.80 -3.93
N SER A 56 -5.64 9.51 -3.61
CA SER A 56 -4.70 8.50 -4.09
C SER A 56 -5.46 7.28 -4.59
N LEU A 57 -4.77 6.46 -5.36
CA LEU A 57 -5.37 5.29 -5.99
C LEU A 57 -4.39 4.14 -6.00
N SER A 58 -4.85 2.95 -5.58
CA SER A 58 -3.99 1.81 -5.38
C SER A 58 -4.61 0.55 -5.98
N LEU A 59 -3.78 -0.48 -6.07
CA LEU A 59 -4.20 -1.84 -6.41
C LEU A 59 -3.89 -2.74 -5.22
N THR A 60 -4.91 -3.41 -4.70
CA THR A 60 -4.73 -4.37 -3.62
C THR A 60 -4.23 -5.70 -4.17
N LEU A 61 -3.29 -6.31 -3.46
CA LEU A 61 -2.52 -7.43 -3.97
C LEU A 61 -2.82 -8.72 -3.19
N ASP A 62 -2.77 -9.85 -3.90
CA ASP A 62 -3.10 -11.12 -3.28
C ASP A 62 -1.95 -11.69 -2.46
N ALA A 63 -0.70 -11.44 -2.86
CA ALA A 63 0.43 -12.19 -2.33
C ALA A 63 0.81 -11.79 -0.91
N PHE A 64 0.44 -10.59 -0.47
CA PHE A 64 0.92 -10.03 0.79
C PHE A 64 -0.29 -9.64 1.62
N TYR A 65 -0.34 -10.14 2.85
CA TYR A 65 -1.45 -9.80 3.73
C TYR A 65 -1.03 -10.01 5.17
N THR A 66 -1.84 -9.45 6.07
CA THR A 66 -1.67 -9.59 7.50
C THR A 66 -2.96 -10.15 8.08
N GLU A 67 -2.84 -11.12 8.99
CA GLU A 67 -3.96 -11.59 9.78
C GLU A 67 -3.75 -11.14 11.22
N THR A 68 -4.77 -10.51 11.78
CA THR A 68 -4.65 -9.94 13.11
C THR A 68 -5.83 -10.38 13.97
N THR A 69 -5.51 -10.76 15.20
CA THR A 69 -6.48 -11.02 16.24
C THR A 69 -6.27 -10.01 17.35
N VAL A 70 -7.36 -9.47 17.88
CA VAL A 70 -7.29 -8.59 19.04
C VAL A 70 -8.16 -9.17 20.14
N THR A 71 -7.71 -9.03 21.38
CA THR A 71 -8.47 -9.39 22.57
C THR A 71 -8.41 -8.21 23.52
N PHE A 72 -9.58 -7.70 23.91
CA PHE A 72 -9.71 -6.77 25.01
C PHE A 72 -10.19 -7.56 26.22
N ASP A 73 -9.49 -7.45 27.34
CA ASP A 73 -9.79 -8.27 28.51
C ASP A 73 -9.59 -7.46 29.77
N ALA A 74 -10.59 -7.49 30.66
CA ALA A 74 -10.49 -6.72 31.89
C ALA A 74 -9.30 -7.15 32.74
N HIS A 75 -8.81 -8.36 32.54
CA HIS A 75 -7.71 -8.87 33.34
C HIS A 75 -6.34 -8.48 32.81
N TYR A 76 -6.24 -7.91 31.61
CA TYR A 76 -4.95 -7.48 31.08
C TYR A 76 -4.41 -6.27 31.83
N SER A 77 -3.10 -6.27 32.08
N SER A 77 -3.11 -6.26 32.07
CA SER A 77 -2.45 -5.18 32.79
CA SER A 77 -2.45 -5.17 32.79
C SER A 77 -1.70 -4.19 31.91
C SER A 77 -1.70 -4.19 31.91
N GLU A 78 -1.55 -4.48 30.62
CA GLU A 78 -0.92 -3.54 29.70
C GLU A 78 -1.27 -3.97 28.28
N ASP A 79 -1.07 -3.05 27.34
CA ASP A 79 -1.23 -3.39 25.94
C ASP A 79 -0.03 -4.21 25.47
N VAL A 80 -0.30 -5.27 24.72
CA VAL A 80 0.72 -6.20 24.25
C VAL A 80 0.54 -6.40 22.75
N PHE A 81 1.64 -6.30 22.00
CA PHE A 81 1.63 -6.47 20.55
C PHE A 81 2.67 -7.54 20.21
N ILE A 82 2.20 -8.63 19.60
CA ILE A 82 3.05 -9.71 19.13
C ILE A 82 2.96 -9.76 17.60
N LEU A 83 4.12 -9.66 16.94
CA LEU A 83 4.17 -9.66 15.49
C LEU A 83 5.03 -10.84 15.04
N ASN A 84 4.45 -11.75 14.28
CA ASN A 84 5.14 -12.94 13.79
C ASN A 84 5.78 -13.72 14.94
N GLY A 85 5.06 -13.82 16.06
CA GLY A 85 5.53 -14.57 17.19
C GLY A 85 6.46 -13.83 18.12
N ILE A 86 6.86 -12.61 17.79
CA ILE A 86 7.86 -11.86 18.54
C ILE A 86 7.18 -10.69 19.23
N LEU A 87 7.38 -10.60 20.55
CA LEU A 87 6.88 -9.48 21.33
C LEU A 87 7.53 -8.18 20.89
N GLN A 88 6.70 -7.19 20.58
CA GLN A 88 7.18 -5.91 20.11
C GLN A 88 7.48 -4.98 21.28
N ASN A 89 8.56 -4.22 21.18
CA ASN A 89 8.93 -3.28 22.22
C ASN A 89 8.11 -1.99 22.06
N GLU A 90 8.36 -1.03 22.95
CA GLU A 90 7.54 0.18 22.97
C GLU A 90 7.55 0.88 21.62
N LYS A 91 8.74 1.16 21.08
CA LYS A 91 8.78 1.88 19.81
C LYS A 91 8.15 1.07 18.68
N GLN A 92 8.27 -0.25 18.74
CA GLN A 92 7.65 -1.10 17.73
C GLN A 92 6.15 -1.22 17.92
N THR A 93 5.64 -0.88 19.10
CA THR A 93 4.22 -0.92 19.42
C THR A 93 3.54 0.44 19.30
N LYS A 94 4.29 1.49 18.96
CA LYS A 94 3.78 2.86 19.09
C LYS A 94 2.54 3.10 18.24
N LYS A 95 2.56 2.67 16.97
CA LYS A 95 1.40 2.93 16.12
C LYS A 95 0.21 2.07 16.53
N VAL A 96 0.45 0.81 16.89
CA VAL A 96 -0.63 -0.05 17.34
C VAL A 96 -1.26 0.53 18.61
N LYS A 97 -0.42 0.98 19.55
CA LYS A 97 -0.95 1.51 20.81
C LYS A 97 -1.78 2.77 20.56
N GLU A 98 -1.30 3.66 19.70
CA GLU A 98 -2.06 4.87 19.41
C GLU A 98 -3.41 4.52 18.75
N PHE A 99 -3.42 3.49 17.90
CA PHE A 99 -4.68 3.07 17.31
C PHE A 99 -5.60 2.45 18.34
N LEU A 100 -5.06 1.60 19.23
CA LEU A 100 -5.89 1.02 20.28
C LEU A 100 -6.53 2.11 21.13
N ASN A 101 -5.77 3.16 21.47
CA ASN A 101 -6.31 4.23 22.27
C ASN A 101 -7.44 4.94 21.55
N LEU A 102 -7.25 5.17 20.24
CA LEU A 102 -8.28 5.85 19.46
C LEU A 102 -9.57 5.03 19.42
N VAL A 103 -9.45 3.74 19.12
CA VAL A 103 -10.67 2.95 18.99
C VAL A 103 -11.30 2.71 20.36
N ARG A 104 -10.49 2.58 21.42
CA ARG A 104 -11.06 2.46 22.77
C ARG A 104 -11.82 3.72 23.16
N GLN A 105 -11.26 4.89 22.89
N GLN A 105 -11.25 4.90 22.90
CA GLN A 105 -11.96 6.12 23.26
CA GLN A 105 -11.94 6.14 23.23
C GLN A 105 -13.23 6.29 22.44
C GLN A 105 -13.24 6.27 22.44
N GLN A 106 -13.24 5.78 21.20
CA GLN A 106 -14.46 5.82 20.38
C GLN A 106 -15.52 4.87 20.92
N ALA A 107 -15.10 3.74 21.50
CA ALA A 107 -16.02 2.75 22.04
C ALA A 107 -16.28 2.91 23.54
N ASP A 108 -15.62 3.86 24.19
CA ASP A 108 -15.60 3.97 25.65
C ASP A 108 -15.24 2.63 26.30
N CYS A 109 -14.23 1.96 25.76
CA CYS A 109 -13.71 0.71 26.32
C CYS A 109 -12.45 1.00 27.13
N THR A 110 -12.44 0.56 28.38
CA THR A 110 -11.38 0.84 29.35
C THR A 110 -10.37 -0.29 29.50
N TRP A 111 -10.44 -1.31 28.67
CA TRP A 111 -9.58 -2.49 28.81
C TRP A 111 -8.29 -2.40 28.00
N PHE A 112 -7.20 -2.89 28.57
CA PHE A 112 -6.01 -3.15 27.79
C PHE A 112 -6.27 -4.29 26.80
N ALA A 113 -5.40 -4.38 25.79
CA ALA A 113 -5.58 -5.30 24.69
C ALA A 113 -4.30 -6.09 24.40
N LYS A 114 -4.50 -7.25 23.78
CA LYS A 114 -3.43 -8.06 23.21
C LYS A 114 -3.70 -8.21 21.71
N VAL A 115 -2.74 -7.75 20.91
CA VAL A 115 -2.79 -7.79 19.46
C VAL A 115 -1.78 -8.82 19.01
N GLU A 116 -2.22 -9.77 18.18
CA GLU A 116 -1.34 -10.77 17.59
C GLU A 116 -1.51 -10.73 16.08
N SER A 117 -0.45 -10.32 15.39
CA SER A 117 -0.46 -10.22 13.93
C SER A 117 0.56 -11.18 13.34
N GLN A 118 0.19 -11.75 12.21
CA GLN A 118 1.05 -12.65 11.44
C GLN A 118 1.07 -12.14 10.00
N ASN A 119 2.25 -11.78 9.52
CA ASN A 119 2.45 -11.36 8.14
C ASN A 119 2.65 -12.56 7.25
N PHE A 120 2.04 -12.54 6.08
CA PHE A 120 2.17 -13.60 5.08
C PHE A 120 2.75 -12.97 3.82
N VAL A 121 3.89 -13.49 3.37
CA VAL A 121 4.68 -12.81 2.35
C VAL A 121 5.38 -13.83 1.44
N ALA A 128 4.55 -1.59 3.74
CA ALA A 128 3.26 -2.05 3.22
C ALA A 128 2.61 -3.03 4.18
N SER A 129 3.46 -3.80 4.88
CA SER A 129 2.95 -4.71 5.90
C SER A 129 2.42 -3.96 7.11
N SER A 130 3.08 -2.87 7.51
CA SER A 130 2.52 -2.06 8.58
C SER A 130 1.12 -1.58 8.22
N ALA A 131 0.91 -1.20 6.95
CA ALA A 131 -0.39 -0.71 6.52
C ALA A 131 -1.43 -1.84 6.49
N SER A 132 -1.11 -2.98 5.86
CA SER A 132 -2.01 -4.13 5.93
C SER A 132 -2.25 -4.55 7.38
N GLY A 133 -1.26 -4.38 8.24
CA GLY A 133 -1.43 -4.73 9.64
C GLY A 133 -2.41 -3.81 10.36
N LEU A 134 -2.36 -2.52 10.03
CA LEU A 134 -3.28 -1.57 10.67
C LEU A 134 -4.68 -1.73 10.13
N ALA A 135 -4.83 -2.04 8.83
CA ALA A 135 -6.13 -2.36 8.29
C ALA A 135 -6.72 -3.58 9.00
N ALA A 136 -5.91 -4.62 9.15
CA ALA A 136 -6.40 -5.83 9.80
C ALA A 136 -6.77 -5.55 11.26
N LEU A 137 -5.96 -4.75 11.95
CA LEU A 137 -6.29 -4.40 13.32
C LEU A 137 -7.59 -3.63 13.40
N ALA A 138 -7.82 -2.71 12.45
CA ALA A 138 -9.07 -1.96 12.46
C ALA A 138 -10.27 -2.90 12.31
N GLY A 139 -10.19 -3.86 11.39
CA GLY A 139 -11.28 -4.82 11.23
C GLY A 139 -11.46 -5.70 12.46
N ALA A 140 -10.35 -6.14 13.05
CA ALA A 140 -10.44 -6.98 14.24
C ALA A 140 -11.06 -6.23 15.41
N CYS A 141 -10.71 -4.95 15.58
CA CYS A 141 -11.31 -4.16 16.65
C CYS A 141 -12.78 -3.90 16.36
N ASN A 142 -13.12 -3.63 15.09
CA ASN A 142 -14.51 -3.48 14.69
C ASN A 142 -15.32 -4.70 15.11
N VAL A 143 -14.80 -5.91 14.85
CA VAL A 143 -15.49 -7.13 15.26
C VAL A 143 -15.57 -7.21 16.77
N ALA A 144 -14.43 -7.07 17.45
CA ALA A 144 -14.36 -7.32 18.88
C ALA A 144 -15.27 -6.39 19.67
N LEU A 145 -15.27 -5.10 19.33
CA LEU A 145 -16.05 -4.10 20.04
C LEU A 145 -17.45 -3.93 19.48
N GLY A 146 -17.83 -4.75 18.50
CA GLY A 146 -19.18 -4.70 17.95
C GLY A 146 -19.55 -3.38 17.34
N LEU A 147 -18.61 -2.74 16.64
CA LEU A 147 -18.89 -1.43 16.06
C LEU A 147 -19.79 -1.52 14.84
N ASN A 148 -19.90 -2.69 14.21
CA ASN A 148 -20.79 -2.91 13.08
C ASN A 148 -20.60 -1.85 12.00
N LEU A 149 -19.35 -1.55 11.68
CA LEU A 149 -19.06 -0.48 10.73
C LEU A 149 -19.35 -0.91 9.29
N SER A 150 -19.85 0.03 8.51
CA SER A 150 -19.90 -0.10 7.06
C SER A 150 -18.46 -0.07 6.52
N ALA A 151 -18.32 -0.55 5.29
CA ALA A 151 -17.02 -0.48 4.62
C ALA A 151 -16.46 0.94 4.63
N LYS A 152 -17.31 1.93 4.34
CA LYS A 152 -16.86 3.31 4.36
C LYS A 152 -16.37 3.73 5.74
N ASP A 153 -17.11 3.39 6.79
CA ASP A 153 -16.72 3.81 8.13
C ASP A 153 -15.55 2.99 8.65
N LEU A 154 -15.38 1.77 8.17
CA LEU A 154 -14.19 1.00 8.52
C LEU A 154 -12.96 1.60 7.84
N SER A 155 -13.13 2.08 6.61
CA SER A 155 -12.05 2.78 5.93
C SER A 155 -11.67 4.06 6.68
N ARG A 156 -12.67 4.83 7.13
CA ARG A 156 -12.41 6.01 7.93
C ARG A 156 -11.67 5.67 9.22
N LEU A 157 -12.00 4.53 9.84
CA LEU A 157 -11.30 4.15 11.06
C LEU A 157 -9.88 3.74 10.77
N ALA A 158 -9.70 2.88 9.77
CA ALA A 158 -8.35 2.45 9.40
C ALA A 158 -7.47 3.63 9.01
N ARG A 159 -8.07 4.65 8.40
CA ARG A 159 -7.33 5.86 8.03
C ARG A 159 -6.61 6.48 9.22
N ARG A 160 -7.22 6.39 10.40
CA ARG A 160 -6.60 6.99 11.58
C ARG A 160 -5.33 6.26 11.98
N GLY A 161 -5.20 4.98 11.64
CA GLY A 161 -3.94 4.28 11.80
C GLY A 161 -2.89 4.56 10.75
N SER A 162 -3.28 4.44 9.47
CA SER A 162 -2.38 4.79 8.38
C SER A 162 -3.22 5.09 7.15
N GLY A 163 -2.73 6.03 6.34
CA GLY A 163 -3.46 6.37 5.13
C GLY A 163 -3.61 5.20 4.18
N SER A 164 -2.51 4.46 3.93
CA SER A 164 -2.59 3.32 3.02
C SER A 164 -3.55 2.26 3.56
N ALA A 165 -3.63 2.12 4.87
CA ALA A 165 -4.52 1.13 5.46
C ALA A 165 -5.97 1.35 5.04
N CYS A 166 -6.39 2.62 4.88
CA CYS A 166 -7.79 2.86 4.56
C CYS A 166 -8.17 2.35 3.17
N ARG A 167 -7.20 2.20 2.27
CA ARG A 167 -7.46 1.63 0.94
C ARG A 167 -7.51 0.10 0.97
N SER A 168 -6.76 -0.53 1.88
CA SER A 168 -6.73 -1.98 1.96
C SER A 168 -8.03 -2.56 2.50
N ILE A 169 -8.96 -1.73 2.95
CA ILE A 169 -10.30 -2.19 3.24
C ILE A 169 -10.95 -2.79 1.99
N PHE A 170 -10.50 -2.39 0.81
CA PHE A 170 -11.12 -2.75 -0.46
C PHE A 170 -10.16 -3.57 -1.31
N GLY A 171 -10.74 -4.33 -2.24
CA GLY A 171 -9.98 -5.14 -3.17
C GLY A 171 -9.79 -4.43 -4.50
N GLY A 172 -8.96 -5.03 -5.34
CA GLY A 172 -8.73 -4.50 -6.67
C GLY A 172 -8.25 -3.06 -6.65
N PHE A 173 -8.81 -2.25 -7.56
CA PHE A 173 -8.52 -0.83 -7.59
C PHE A 173 -9.33 -0.13 -6.49
N ALA A 174 -8.66 0.75 -5.74
CA ALA A 174 -9.35 1.54 -4.74
C ALA A 174 -8.82 2.95 -4.75
N GLN A 175 -9.70 3.90 -4.48
CA GLN A 175 -9.36 5.31 -4.42
C GLN A 175 -9.66 5.84 -3.03
N TRP A 176 -8.66 6.47 -2.42
CA TRP A 176 -8.85 7.20 -1.18
C TRP A 176 -9.17 8.64 -1.57
N ASN A 177 -10.40 9.06 -1.32
CA ASN A 177 -10.80 10.44 -1.60
C ASN A 177 -10.36 11.33 -0.45
N LYS A 178 -9.61 12.39 -0.77
CA LYS A 178 -8.99 13.20 0.28
C LYS A 178 -10.04 13.78 1.23
N GLY A 179 -11.18 14.20 0.71
CA GLY A 179 -12.17 14.82 1.56
C GLY A 179 -11.67 16.13 2.12
N HIS A 180 -12.52 16.86 2.86
CA HIS A 180 -12.09 17.96 3.71
C HIS A 180 -12.09 17.66 5.21
N SER A 181 -12.47 16.45 5.63
CA SER A 181 -12.68 16.21 7.06
C SER A 181 -12.62 14.72 7.37
N ASP A 182 -12.71 14.41 8.67
CA ASP A 182 -12.72 13.02 9.13
C ASP A 182 -13.91 12.27 8.53
N GLU A 183 -15.04 12.94 8.34
CA GLU A 183 -16.22 12.28 7.83
C GLU A 183 -16.11 12.00 6.34
N THR A 184 -15.44 12.87 5.59
CA THR A 184 -15.42 12.81 4.13
C THR A 184 -14.16 12.18 3.53
N SER A 185 -13.17 11.82 4.34
CA SER A 185 -11.91 11.26 3.83
C SER A 185 -11.93 9.75 4.03
N PHE A 186 -12.07 9.02 2.95
CA PHE A 186 -12.13 7.55 3.03
C PHE A 186 -11.95 7.00 1.63
N ALA A 187 -11.91 5.68 1.54
CA ALA A 187 -11.62 5.00 0.29
C ALA A 187 -12.83 4.21 -0.16
N GLU A 188 -12.82 3.89 -1.46
CA GLU A 188 -13.87 3.10 -2.07
C GLU A 188 -13.25 2.28 -3.19
N ASN A 189 -13.86 1.13 -3.48
CA ASN A 189 -13.43 0.34 -4.62
C ASN A 189 -13.82 1.03 -5.92
N ILE A 190 -13.00 0.82 -6.95
CA ILE A 190 -13.22 1.36 -8.29
C ILE A 190 -13.59 0.18 -9.20
N PRO A 191 -14.85 0.06 -9.64
CA PRO A 191 -15.20 -1.06 -10.52
C PRO A 191 -14.44 -0.95 -11.84
N ALA A 192 -13.72 -2.02 -12.18
CA ALA A 192 -12.95 -2.12 -13.41
C ALA A 192 -13.51 -3.03 -14.50
N ASN A 193 -14.66 -3.67 -14.30
CA ASN A 193 -15.08 -4.78 -15.19
C ASN A 193 -14.03 -5.89 -15.16
N ASN A 194 -13.51 -6.17 -13.97
CA ASN A 194 -12.53 -7.22 -13.71
C ASN A 194 -11.23 -7.05 -14.48
N TRP A 195 -10.92 -5.84 -14.94
CA TRP A 195 -9.62 -5.61 -15.55
C TRP A 195 -8.50 -5.93 -14.58
N GLU A 196 -8.71 -5.65 -13.28
CA GLU A 196 -7.68 -5.92 -12.28
C GLU A 196 -7.23 -7.37 -12.31
N ASN A 197 -8.09 -8.28 -12.73
CA ASN A 197 -7.74 -9.68 -12.80
C ASN A 197 -6.86 -10.02 -14.00
N GLU A 198 -6.65 -9.10 -14.93
CA GLU A 198 -5.70 -9.29 -16.01
C GLU A 198 -4.33 -8.69 -15.72
N LEU A 199 -4.15 -8.02 -14.59
CA LEU A 199 -2.89 -7.33 -14.31
C LEU A 199 -2.05 -8.09 -13.28
N ALA A 200 -0.84 -7.57 -13.06
CA ALA A 200 0.09 -8.16 -12.11
C ALA A 200 1.11 -7.11 -11.71
N MET A 201 1.75 -7.35 -10.57
CA MET A 201 2.87 -6.56 -10.07
C MET A 201 4.05 -7.50 -9.84
N LEU A 202 5.21 -7.13 -10.35
CA LEU A 202 6.44 -7.85 -10.05
C LEU A 202 7.30 -6.97 -9.15
N PHE A 203 7.50 -7.42 -7.91
CA PHE A 203 8.36 -6.72 -6.96
C PHE A 203 9.81 -7.09 -7.21
N ILE A 204 10.66 -6.07 -7.30
CA ILE A 204 12.12 -6.24 -7.41
C ILE A 204 12.70 -5.83 -6.07
N LEU A 205 13.23 -6.81 -5.33
CA LEU A 205 13.71 -6.56 -3.97
C LEU A 205 15.13 -6.02 -4.00
N ILE A 206 15.33 -4.84 -3.41
CA ILE A 206 16.61 -4.15 -3.43
C ILE A 206 17.15 -4.07 -2.02
N ASP A 217 9.58 11.13 8.23
CA ASP A 217 9.93 12.54 8.42
C ASP A 217 10.06 13.25 7.07
N GLY A 218 10.41 12.49 6.03
CA GLY A 218 10.66 13.09 4.73
C GLY A 218 9.42 13.61 4.06
N MET A 219 8.28 12.97 4.29
CA MET A 219 7.04 13.44 3.68
C MET A 219 6.66 14.81 4.23
N LYS A 220 6.69 14.96 5.56
CA LYS A 220 6.38 16.25 6.15
C LYS A 220 7.40 17.31 5.75
N ARG A 221 8.69 16.93 5.73
CA ARG A 221 9.72 17.86 5.29
C ARG A 221 9.44 18.34 3.87
N THR A 222 9.00 17.44 2.99
CA THR A 222 8.77 17.81 1.60
C THR A 222 7.57 18.74 1.48
N VAL A 223 6.47 18.42 2.17
CA VAL A 223 5.31 19.30 2.16
C VAL A 223 5.72 20.70 2.60
N GLU A 224 6.48 20.78 3.69
CA GLU A 224 6.75 22.07 4.30
C GLU A 224 7.85 22.86 3.59
N THR A 225 8.92 22.19 3.13
CA THR A 225 10.04 22.91 2.51
C THR A 225 10.24 22.78 0.99
N SER A 226 9.57 21.88 0.29
CA SER A 226 10.04 21.62 -1.08
C SER A 226 9.43 22.62 -2.05
N SER A 227 10.28 23.28 -2.85
CA SER A 227 9.82 24.18 -3.89
C SER A 227 9.13 23.44 -5.02
N PHE A 228 9.18 22.11 -5.04
CA PHE A 228 8.52 21.31 -6.05
C PHE A 228 7.16 20.75 -5.60
N TYR A 229 6.76 20.96 -4.35
CA TYR A 229 5.55 20.29 -3.85
C TYR A 229 4.30 20.81 -4.55
N GLN A 230 4.25 22.12 -4.85
CA GLN A 230 3.07 22.64 -5.52
C GLN A 230 2.90 22.02 -6.90
N GLY A 231 4.01 21.77 -7.61
CA GLY A 231 3.91 21.11 -8.90
C GLY A 231 3.37 19.70 -8.77
N TRP A 232 3.77 19.00 -7.72
CA TRP A 232 3.15 17.71 -7.40
C TRP A 232 1.64 17.87 -7.25
N LEU A 233 1.21 18.81 -6.41
CA LEU A 233 -0.22 18.97 -6.15
C LEU A 233 -0.99 19.30 -7.42
N ASP A 234 -0.42 20.15 -8.27
CA ASP A 234 -1.14 20.62 -9.44
C ASP A 234 -1.35 19.55 -10.50
N ASN A 235 -0.59 18.45 -10.44
CA ASN A 235 -0.72 17.38 -11.42
C ASN A 235 -1.51 16.15 -10.96
N VAL A 236 -1.92 16.07 -9.69
CA VAL A 236 -2.51 14.83 -9.18
C VAL A 236 -3.87 14.57 -9.81
N GLU A 237 -4.73 15.59 -9.86
CA GLU A 237 -6.10 15.33 -10.28
C GLU A 237 -6.17 14.91 -11.75
N LYS A 238 -5.36 15.55 -12.61
CA LYS A 238 -5.26 15.13 -14.01
C LYS A 238 -4.84 13.68 -14.11
N ASP A 239 -3.90 13.26 -13.27
CA ASP A 239 -3.46 11.87 -13.28
C ASP A 239 -4.59 10.95 -12.88
N LEU A 240 -5.32 11.31 -11.81
CA LEU A 240 -6.44 10.48 -11.37
C LEU A 240 -7.49 10.35 -12.48
N SER A 241 -7.82 11.47 -13.14
CA SER A 241 -8.83 11.43 -14.20
C SER A 241 -8.42 10.48 -15.32
N GLN A 242 -7.15 10.52 -15.73
CA GLN A 242 -6.71 9.67 -16.83
C GLN A 242 -6.60 8.22 -16.42
N VAL A 243 -6.31 7.93 -15.15
CA VAL A 243 -6.35 6.55 -14.71
C VAL A 243 -7.77 6.02 -14.85
N HIS A 244 -8.75 6.81 -14.45
CA HIS A 244 -10.14 6.39 -14.56
C HIS A 244 -10.56 6.20 -16.01
N GLU A 245 -10.12 7.09 -16.89
CA GLU A 245 -10.37 6.92 -18.33
C GLU A 245 -9.67 5.68 -18.86
N ALA A 246 -8.45 5.41 -18.38
CA ALA A 246 -7.75 4.21 -18.81
C ALA A 246 -8.43 2.94 -18.31
N ILE A 247 -8.91 2.94 -17.07
CA ILE A 247 -9.60 1.77 -16.54
C ILE A 247 -10.86 1.48 -17.35
N LYS A 248 -11.58 2.54 -17.73
CA LYS A 248 -12.83 2.37 -18.47
C LYS A 248 -12.60 1.70 -19.82
N THR A 249 -11.49 2.03 -20.48
CA THR A 249 -11.14 1.45 -21.77
C THR A 249 -10.17 0.29 -21.67
N LYS A 250 -9.75 -0.08 -20.45
CA LYS A 250 -8.75 -1.12 -20.26
C LYS A 250 -7.50 -0.83 -21.10
N ASP A 251 -7.06 0.43 -21.08
CA ASP A 251 -5.91 0.86 -21.86
C ASP A 251 -4.69 0.74 -20.97
N PHE A 252 -3.88 -0.32 -21.18
CA PHE A 252 -2.77 -0.56 -20.28
C PHE A 252 -1.63 0.43 -20.49
N PRO A 253 -1.14 0.66 -21.71
CA PRO A 253 -0.05 1.63 -21.85
C PRO A 253 -0.40 2.99 -21.29
N ARG A 254 -1.66 3.42 -21.40
CA ARG A 254 -2.05 4.72 -20.84
C ARG A 254 -1.98 4.69 -19.32
N LEU A 255 -2.57 3.67 -18.70
CA LEU A 255 -2.44 3.49 -17.26
C LEU A 255 -0.98 3.51 -16.83
N GLY A 256 -0.15 2.74 -17.53
CA GLY A 256 1.25 2.62 -17.13
C GLY A 256 2.00 3.92 -17.24
N GLU A 257 1.81 4.65 -18.35
CA GLU A 257 2.51 5.91 -18.53
C GLU A 257 2.15 6.91 -17.42
N ILE A 258 0.86 7.01 -17.10
CA ILE A 258 0.41 7.96 -16.08
C ILE A 258 1.02 7.60 -14.72
N ILE A 259 0.90 6.35 -14.30
CA ILE A 259 1.33 6.01 -12.95
C ILE A 259 2.86 6.05 -12.83
N GLU A 260 3.57 5.72 -13.90
CA GLU A 260 5.03 5.82 -13.82
C GLU A 260 5.47 7.27 -13.68
N ALA A 261 4.89 8.17 -14.45
CA ALA A 261 5.23 9.58 -14.31
C ALA A 261 4.77 10.11 -12.95
N ASN A 262 3.63 9.64 -12.45
CA ASN A 262 3.17 10.10 -11.14
C ASN A 262 4.18 9.75 -10.05
N GLY A 263 4.66 8.50 -10.05
CA GLY A 263 5.65 8.11 -9.06
C GLY A 263 6.93 8.90 -9.17
N LEU A 264 7.42 9.11 -10.40
CA LEU A 264 8.64 9.89 -10.56
C LEU A 264 8.46 11.33 -10.10
N ARG A 265 7.25 11.89 -10.29
CA ARG A 265 6.99 13.26 -9.83
C ARG A 265 7.05 13.33 -8.30
N MET A 266 6.49 12.33 -7.61
CA MET A 266 6.62 12.28 -6.16
C MET A 266 8.09 12.26 -5.75
N HIS A 267 8.90 11.42 -6.41
CA HIS A 267 10.30 11.31 -6.01
C HIS A 267 11.08 12.57 -6.34
N GLY A 268 10.73 13.26 -7.42
CA GLY A 268 11.36 14.55 -7.69
C GLY A 268 11.19 15.54 -6.56
N THR A 269 10.04 15.52 -5.87
CA THR A 269 9.80 16.54 -4.87
C THR A 269 10.82 16.50 -3.75
N THR A 270 11.34 15.30 -3.40
CA THR A 270 12.26 15.22 -2.27
C THR A 270 13.61 15.86 -2.58
N LEU A 271 13.98 15.95 -3.85
CA LEU A 271 15.18 16.65 -4.27
C LEU A 271 15.05 18.15 -4.18
N GLY A 272 13.84 18.67 -3.94
CA GLY A 272 13.66 20.09 -3.71
C GLY A 272 13.39 20.44 -2.26
N ALA A 273 13.35 19.44 -1.37
CA ALA A 273 13.16 19.65 0.05
C ALA A 273 14.43 20.26 0.67
N VAL A 274 14.25 20.85 1.85
CA VAL A 274 15.35 21.48 2.57
C VAL A 274 15.55 20.81 3.93
N PRO A 275 16.64 20.03 4.12
CA PRO A 275 17.63 19.60 3.11
C PRO A 275 17.05 18.57 2.14
N PRO A 276 17.60 18.51 0.93
CA PRO A 276 17.08 17.57 -0.07
C PRO A 276 17.57 16.16 0.20
N PHE A 277 16.79 15.20 -0.30
CA PHE A 277 17.10 13.79 -0.09
C PHE A 277 16.47 12.99 -1.21
N THR A 278 16.90 11.74 -1.34
CA THR A 278 16.27 10.76 -2.21
C THR A 278 15.99 9.48 -1.43
N TYR A 279 14.89 8.82 -1.79
CA TYR A 279 14.57 7.50 -1.29
C TYR A 279 15.28 6.40 -2.07
N TRP A 280 15.92 6.75 -3.17
CA TRP A 280 16.47 5.78 -4.10
C TRP A 280 17.79 5.22 -3.58
N SER A 281 18.08 4.01 -4.01
CA SER A 281 19.37 3.38 -3.84
C SER A 281 19.91 3.07 -5.23
N PRO A 282 21.23 2.81 -5.35
CA PRO A 282 21.77 2.46 -6.67
C PRO A 282 20.95 1.39 -7.38
N GLY A 283 20.54 0.36 -6.65
CA GLY A 283 19.75 -0.70 -7.28
C GLY A 283 18.42 -0.23 -7.82
N SER A 284 17.81 0.79 -7.18
CA SER A 284 16.56 1.34 -7.68
C SER A 284 16.73 1.88 -9.09
N LEU A 285 17.82 2.62 -9.34
CA LEU A 285 18.06 3.18 -10.66
C LEU A 285 18.32 2.09 -11.68
N GLN A 286 19.10 1.08 -11.29
CA GLN A 286 19.36 -0.04 -12.19
C GLN A 286 18.06 -0.70 -12.60
N ALA A 287 17.18 -0.94 -11.63
CA ALA A 287 15.90 -1.58 -11.92
C ALA A 287 15.02 -0.70 -12.80
N MET A 288 14.99 0.61 -12.55
CA MET A 288 14.19 1.49 -13.41
C MET A 288 14.71 1.48 -14.84
N ALA A 289 16.04 1.52 -15.00
CA ALA A 289 16.61 1.51 -16.35
C ALA A 289 16.30 0.20 -17.06
N LEU A 290 16.30 -0.90 -16.32
CA LEU A 290 15.97 -2.19 -16.93
C LEU A 290 14.52 -2.26 -17.36
N VAL A 291 13.61 -1.65 -16.59
CA VAL A 291 12.22 -1.62 -17.03
C VAL A 291 12.09 -0.84 -18.34
N ARG A 292 12.83 0.26 -18.48
CA ARG A 292 12.80 0.98 -19.75
C ARG A 292 13.33 0.10 -20.88
N GLN A 293 14.41 -0.64 -20.62
CA GLN A 293 14.90 -1.59 -21.61
C GLN A 293 13.83 -2.61 -21.98
N ALA A 294 13.14 -3.16 -20.97
CA ALA A 294 12.06 -4.11 -21.22
C ALA A 294 11.04 -3.55 -22.20
N ARG A 295 10.59 -2.31 -21.96
CA ARG A 295 9.65 -1.70 -22.88
C ARG A 295 10.25 -1.58 -24.27
N ALA A 296 11.55 -1.28 -24.36
CA ALA A 296 12.19 -1.14 -25.65
C ALA A 296 12.18 -2.44 -26.44
N LYS A 297 12.10 -3.58 -25.75
CA LYS A 297 11.98 -4.88 -26.40
C LYS A 297 10.53 -5.29 -26.64
N GLY A 298 9.56 -4.43 -26.34
CA GLY A 298 8.18 -4.71 -26.64
C GLY A 298 7.39 -5.37 -25.53
N ILE A 299 7.88 -5.32 -24.29
CA ILE A 299 7.12 -5.77 -23.13
C ILE A 299 6.52 -4.54 -22.47
N PRO A 300 5.23 -4.24 -22.61
CA PRO A 300 4.71 -3.10 -21.84
C PRO A 300 4.78 -3.42 -20.35
N CYS A 301 5.48 -2.57 -19.60
CA CYS A 301 5.55 -2.64 -18.15
C CYS A 301 6.01 -1.29 -17.66
N TYR A 302 5.70 -0.99 -16.40
CA TYR A 302 5.89 0.34 -15.85
C TYR A 302 6.22 0.22 -14.38
N PHE A 303 7.15 1.05 -13.90
CA PHE A 303 7.66 0.94 -12.54
C PHE A 303 7.09 2.01 -11.62
N THR A 304 6.99 1.67 -10.34
CA THR A 304 6.64 2.63 -9.31
C THR A 304 7.43 2.28 -8.05
N MET A 305 7.79 3.31 -7.29
CA MET A 305 8.50 3.19 -6.04
C MET A 305 7.79 4.01 -4.97
N ASP A 306 8.00 3.59 -3.74
CA ASP A 306 7.53 4.16 -2.49
C ASP A 306 8.74 4.65 -1.71
N ALA A 307 8.58 4.81 -0.41
CA ALA A 307 9.52 5.46 0.49
C ALA A 307 10.78 4.58 0.79
N GLY A 308 10.99 3.49 0.05
CA GLY A 308 12.19 2.70 0.18
C GLY A 308 12.68 2.19 -1.17
N PRO A 309 13.89 1.59 -1.17
CA PRO A 309 14.62 1.39 -2.45
C PRO A 309 13.99 0.39 -3.40
N ASN A 310 13.07 -0.45 -2.95
CA ASN A 310 12.50 -1.49 -3.80
C ASN A 310 11.71 -0.89 -4.96
N VAL A 311 11.57 -1.68 -6.02
CA VAL A 311 10.91 -1.24 -7.26
C VAL A 311 9.83 -2.24 -7.63
N LYS A 312 8.62 -1.71 -7.87
CA LYS A 312 7.48 -2.53 -8.23
C LYS A 312 7.11 -2.25 -9.68
N VAL A 313 6.87 -3.31 -10.45
CA VAL A 313 6.64 -3.20 -11.89
C VAL A 313 5.24 -3.69 -12.22
N LEU A 314 4.43 -2.80 -12.78
CA LEU A 314 3.11 -3.15 -13.26
C LEU A 314 3.22 -3.76 -14.65
N VAL A 315 2.56 -4.90 -14.85
CA VAL A 315 2.62 -5.62 -16.12
C VAL A 315 1.33 -6.40 -16.29
N GLU A 316 0.98 -6.69 -17.55
CA GLU A 316 -0.15 -7.58 -17.81
C GLU A 316 0.23 -9.02 -17.51
N LYS A 317 -0.77 -9.79 -17.05
N LYS A 317 -0.73 -9.80 -16.99
CA LYS A 317 -0.61 -11.23 -16.85
CA LYS A 317 -0.43 -11.17 -16.59
C LYS A 317 -0.10 -11.91 -18.11
C LYS A 317 0.34 -11.93 -17.65
N LYS A 318 -0.78 -11.69 -19.24
N LYS A 318 0.01 -11.68 -18.92
CA LYS A 318 -0.39 -12.34 -20.48
CA LYS A 318 0.62 -12.40 -20.04
C LYS A 318 1.05 -11.99 -20.86
C LYS A 318 2.15 -12.37 -20.00
N ASN A 319 1.52 -10.80 -20.50
N ASN A 319 2.71 -11.21 -19.66
CA ASN A 319 2.91 -10.41 -20.71
CA ASN A 319 4.15 -10.97 -19.81
C ASN A 319 3.78 -10.62 -19.47
C ASN A 319 4.95 -11.13 -18.52
N LEU A 320 3.22 -11.15 -18.37
N LEU A 320 4.31 -11.53 -17.41
CA LEU A 320 3.99 -11.27 -17.14
CA LEU A 320 4.99 -11.53 -16.13
C LEU A 320 5.18 -12.20 -17.31
C LEU A 320 6.25 -12.40 -16.16
N GLU A 321 4.97 -13.37 -17.91
N GLU A 321 6.14 -13.64 -16.67
CA GLU A 321 6.07 -14.32 -18.07
CA GLU A 321 7.28 -14.55 -16.64
C GLU A 321 7.15 -13.77 -18.98
C GLU A 321 8.42 -14.05 -17.53
N ALA A 322 6.76 -13.00 -20.00
N ALA A 322 8.08 -13.52 -18.70
CA ALA A 322 7.75 -12.38 -20.88
CA ALA A 322 9.11 -12.93 -19.55
C ALA A 322 8.56 -11.33 -20.12
C ALA A 322 9.89 -11.84 -18.82
N LEU A 323 7.92 -10.60 -19.20
N LEU A 323 9.18 -11.01 -18.04
CA LEU A 323 8.64 -9.66 -18.37
CA LEU A 323 9.84 -9.95 -17.30
C LEU A 323 9.61 -10.37 -17.45
C LEU A 323 10.76 -10.52 -16.22
N LYS A 324 9.15 -11.41 -16.75
N LYS A 324 10.29 -11.53 -15.48
CA LYS A 324 10.05 -12.15 -15.87
CA LYS A 324 11.14 -12.16 -14.46
C LYS A 324 11.19 -12.77 -16.64
C LYS A 324 12.41 -12.69 -15.09
N THR A 325 10.92 -13.21 -17.88
N THR A 325 12.29 -13.37 -16.24
CA THR A 325 11.98 -13.74 -18.73
CA THR A 325 13.46 -13.92 -16.91
C THR A 325 12.98 -12.66 -19.09
C THR A 325 14.43 -12.82 -17.32
N PHE A 326 12.50 -11.47 -19.43
N PHE A 326 13.90 -11.73 -17.87
CA PHE A 326 13.41 -10.37 -19.75
CA PHE A 326 14.75 -10.63 -18.28
C PHE A 326 14.25 -9.99 -18.53
C PHE A 326 15.50 -10.02 -17.10
N LEU A 327 13.59 -9.79 -17.38
N LEU A 327 14.80 -9.82 -15.97
CA LEU A 327 14.31 -9.35 -16.19
CA LEU A 327 15.44 -9.23 -14.80
C LEU A 327 15.25 -10.43 -15.67
C LEU A 327 16.32 -10.22 -14.05
N SER A 328 14.94 -11.71 -15.95
N SER A 328 16.13 -11.53 -14.26
CA SER A 328 15.83 -12.80 -15.58
CA SER A 328 17.01 -12.52 -13.67
C SER A 328 17.15 -12.78 -16.35
C SER A 328 18.44 -12.38 -14.20
N GLU A 329 17.22 -12.04 -17.45
N GLU A 329 18.66 -11.56 -15.22
CA GLU A 329 18.49 -11.89 -18.17
CA GLU A 329 20.02 -11.30 -15.67
C GLU A 329 19.48 -11.04 -17.37
C GLU A 329 20.80 -10.52 -14.62
N HIS A 330 18.99 -10.31 -16.38
N HIS A 330 20.18 -9.52 -13.99
CA HIS A 330 19.80 -9.45 -15.54
CA HIS A 330 20.87 -8.71 -12.99
C HIS A 330 19.71 -9.87 -14.09
C HIS A 330 20.45 -8.92 -11.53
N PHE A 331 18.50 -9.90 -13.52
N PHE A 331 19.40 -9.70 -11.25
CA PHE A 331 18.31 -10.34 -12.14
CA PHE A 331 18.95 -9.89 -9.87
C PHE A 331 18.34 -11.86 -12.03
C PHE A 331 18.69 -11.36 -9.60
N SER A 332 18.26 -12.34 -10.79
N SER A 332 18.83 -11.74 -8.33
CA SER A 332 18.01 -13.74 -10.48
CA SER A 332 18.67 -13.13 -7.92
C SER A 332 16.51 -13.98 -10.40
C SER A 332 17.19 -13.52 -7.85
N LYS A 333 16.10 -15.17 -10.81
N LYS A 333 16.96 -14.83 -7.86
CA LYS A 333 14.68 -15.51 -10.75
CA LYS A 333 15.60 -15.36 -7.75
C LYS A 333 14.11 -15.35 -9.35
C LYS A 333 14.89 -14.83 -6.52
N GLU A 334 14.95 -15.47 -8.33
N GLU A 334 15.60 -14.71 -5.41
CA GLU A 334 14.47 -15.39 -6.94
CA GLU A 334 14.99 -14.25 -4.17
C GLU A 334 14.12 -13.98 -6.52
C GLU A 334 14.54 -12.80 -4.24
N GLN A 335 14.76 -12.97 -7.12
N GLN A 335 14.95 -12.06 -5.27
CA GLN A 335 14.58 -11.60 -6.65
CA GLN A 335 14.63 -10.65 -5.40
C GLN A 335 13.33 -10.93 -7.22
C GLN A 335 13.45 -10.35 -6.32
N LEU A 336 12.61 -11.62 -8.08
N LEU A 336 12.84 -11.36 -6.97
CA LEU A 336 11.36 -11.12 -8.63
CA LEU A 336 11.77 -11.13 -7.95
C LEU A 336 10.22 -11.85 -7.92
C LEU A 336 10.51 -11.89 -7.51
N VAL A 337 9.52 -11.14 -7.05
CA VAL A 337 8.33 -11.68 -6.37
C VAL A 337 7.04 -11.22 -7.05
N PRO A 338 6.28 -12.10 -7.70
CA PRO A 338 5.05 -11.68 -8.38
C PRO A 338 3.85 -11.55 -7.44
N ALA A 339 2.89 -10.74 -7.88
CA ALA A 339 1.61 -10.60 -7.18
C ALA A 339 0.50 -10.22 -8.17
N PHE A 340 -0.71 -10.64 -7.85
CA PHE A 340 -1.90 -10.34 -8.62
C PHE A 340 -2.89 -9.57 -7.75
N ALA A 341 -4.05 -9.25 -8.32
CA ALA A 341 -5.05 -8.49 -7.60
C ALA A 341 -5.60 -9.29 -6.43
N GLY A 342 -5.71 -8.63 -5.27
CA GLY A 342 -6.25 -9.24 -4.08
C GLY A 342 -7.62 -8.72 -3.65
N PRO A 343 -8.18 -9.33 -2.61
CA PRO A 343 -9.51 -8.95 -2.15
C PRO A 343 -9.49 -7.88 -1.07
N GLY A 344 -10.68 -7.43 -0.70
CA GLY A 344 -10.83 -6.50 0.40
C GLY A 344 -10.75 -7.22 1.73
N ILE A 345 -10.99 -6.44 2.79
CA ILE A 345 -10.76 -6.98 4.13
C ILE A 345 -11.76 -8.10 4.41
N GLU A 346 -11.31 -9.09 5.16
CA GLU A 346 -12.16 -10.20 5.59
C GLU A 346 -12.25 -10.20 7.11
N LEU A 347 -13.46 -10.19 7.64
CA LEU A 347 -13.71 -10.15 9.07
C LEU A 347 -14.09 -11.54 9.58
N PHE A 348 -13.63 -11.87 10.79
CA PHE A 348 -13.92 -13.16 11.40
C PHE A 348 -14.36 -12.96 12.84
N GLU A 349 -15.49 -13.56 13.20
CA GLU A 349 -15.84 -13.68 14.62
C GLU A 349 -14.98 -14.75 15.26
N THR A 350 -14.56 -14.52 16.52
CA THR A 350 -13.71 -15.46 17.23
C THR A 350 -14.54 -16.33 18.16
S SO4 B . 1.00 7.70 7.28
S SO4 B . 0.95 4.94 5.79
O1 SO4 B . -0.40 7.83 6.89
O1 SO4 B . 0.16 5.11 4.60
O2 SO4 B . 1.73 8.91 6.90
O2 SO4 B . 0.41 5.80 6.85
O3 SO4 B . 1.11 7.54 8.74
O3 SO4 B . 0.90 3.54 6.21
O4 SO4 B . 1.62 6.57 6.59
O4 SO4 B . 2.33 5.34 5.52
#